data_5INK
#
_entry.id   5INK
#
_cell.length_a   54.615
_cell.length_b   67.662
_cell.length_c   166.745
_cell.angle_alpha   90.000
_cell.angle_beta   90.000
_cell.angle_gamma   90.000
#
_symmetry.space_group_name_H-M   'P 21 21 21'
#
loop_
_entity.id
_entity.type
_entity.pdbx_description
1 polymer 'Tyrosyl-DNA phosphodiesterase 2'
2 polymer "DNA (5'-D(P*(3DR)P*CP*GP*AP*AP*TP*TP*CP*G)-3')"
3 non-polymer GLYCEROL
4 non-polymer 'MAGNESIUM ION'
5 non-polymer '4-(2-HYDROXYETHYL)-1-PIPERAZINE ETHANESULFONIC ACID'
6 non-polymer DI(HYDROXYETHYL)ETHER
7 water water
#
loop_
_entity_poly.entity_id
_entity_poly.type
_entity_poly.pdbx_seq_one_letter_code
_entity_poly.pdbx_strand_id
1 'polypeptide(L)'
;SKGLEDSSTISFITWNIDGLDGCNLPERARGVCSCLALYSPDVVFLQEVIPPYCAYLKKRAASYTIITGNEEGYFTAILL
KKGRVKFKSQEIIPFPNTKMMRNLLCVNVSLGGNEFCLMTSHLESTREHSAERIRQLKTVLGKMQEAPDSTTVIFAGDTN
LRDQEVIKCGGLPDNVFDAWEFLGKPKHCQYTWDTKANNNLRIPAAYKHRFDRIFFRAEEGHLIPQSLDLVGLEKLDCGR
FPSDHWGLLCTLNVVL
;
A,B
2 'polydeoxyribonucleotide' (3DR)(DC)(DG)(DA)(DA)(DT)(DT)(DC)(DG) C,D
#
# COMPACT_ATOMS: atom_id res chain seq x y z
N GLY A 3 -20.18 24.60 -36.29
CA GLY A 3 -19.74 25.13 -37.57
C GLY A 3 -19.00 24.10 -38.40
N LEU A 4 -18.96 24.29 -39.71
CA LEU A 4 -18.33 23.35 -40.63
C LEU A 4 -16.85 23.09 -40.31
N GLU A 5 -16.09 24.16 -40.07
CA GLU A 5 -14.66 24.02 -39.80
C GLU A 5 -14.39 23.14 -38.57
N ASP A 6 -15.23 23.29 -37.56
CA ASP A 6 -15.01 22.57 -36.30
C ASP A 6 -15.69 21.21 -36.25
N SER A 7 -16.34 20.82 -37.35
CA SER A 7 -17.07 19.56 -37.40
C SER A 7 -16.17 18.34 -37.24
N SER A 8 -14.87 18.53 -37.45
CA SER A 8 -13.89 17.45 -37.32
C SER A 8 -13.43 17.28 -35.88
N THR A 9 -13.73 18.28 -35.04
CA THR A 9 -13.25 18.31 -33.67
C THR A 9 -14.30 17.83 -32.68
N ILE A 10 -13.96 16.85 -31.86
CA ILE A 10 -14.82 16.48 -30.75
C ILE A 10 -14.31 17.16 -29.49
N SER A 11 -15.22 17.68 -28.68
CA SER A 11 -14.80 18.36 -27.46
C SER A 11 -15.56 17.80 -26.27
N PHE A 12 -14.88 17.64 -25.14
CA PHE A 12 -15.58 17.19 -23.95
C PHE A 12 -15.00 17.73 -22.66
N ILE A 13 -15.81 17.62 -21.61
CA ILE A 13 -15.38 17.86 -20.26
C ILE A 13 -15.60 16.60 -19.45
N THR A 14 -14.60 16.23 -18.65
CA THR A 14 -14.83 15.22 -17.62
C THR A 14 -14.62 15.89 -16.27
N TRP A 15 -15.45 15.53 -15.32
CA TRP A 15 -15.48 16.28 -14.07
C TRP A 15 -16.14 15.46 -12.98
N ASN A 16 -15.42 15.23 -11.90
CA ASN A 16 -16.00 14.74 -10.67
C ASN A 16 -16.59 15.96 -9.98
N ILE A 17 -17.90 16.03 -9.93
CA ILE A 17 -18.53 17.25 -9.46
C ILE A 17 -18.93 17.19 -7.99
N ASP A 18 -18.48 16.14 -7.29
CA ASP A 18 -18.58 16.07 -5.83
C ASP A 18 -20.01 16.20 -5.35
N GLY A 19 -20.90 15.39 -5.93
CA GLY A 19 -22.30 15.38 -5.51
C GLY A 19 -22.50 14.81 -4.12
N LEU A 20 -21.49 14.14 -3.59
CA LEU A 20 -21.55 13.62 -2.24
C LEU A 20 -21.47 14.75 -1.22
N ASP A 21 -21.00 15.92 -1.64
CA ASP A 21 -21.00 17.08 -0.75
C ASP A 21 -22.32 17.81 -1.00
N GLY A 22 -23.26 17.68 -0.06
CA GLY A 22 -24.57 18.29 -0.19
C GLY A 22 -24.59 19.80 0.05
N CYS A 23 -23.51 20.33 0.59
CA CYS A 23 -23.48 21.72 0.98
C CYS A 23 -23.25 22.62 -0.25
N ASN A 24 -24.11 23.62 -0.41
CA ASN A 24 -24.10 24.52 -1.56
C ASN A 24 -24.28 23.79 -2.88
N LEU A 25 -24.82 22.57 -2.82
CA LEU A 25 -24.84 21.74 -4.01
C LEU A 25 -25.59 22.41 -5.18
N PRO A 26 -26.81 22.95 -4.96
CA PRO A 26 -27.48 23.60 -6.10
C PRO A 26 -26.65 24.73 -6.72
N GLU A 27 -26.01 25.55 -5.90
CA GLU A 27 -25.21 26.64 -6.43
C GLU A 27 -24.03 26.08 -7.21
N ARG A 28 -23.43 25.04 -6.67
CA ARG A 28 -22.26 24.42 -7.30
C ARG A 28 -22.65 23.74 -8.62
N ALA A 29 -23.82 23.12 -8.66
CA ALA A 29 -24.39 22.61 -9.92
C ALA A 29 -24.53 23.73 -10.96
N ARG A 30 -24.95 24.91 -10.52
CA ARG A 30 -25.07 26.04 -11.43
C ARG A 30 -23.70 26.47 -11.96
N GLY A 31 -22.70 26.44 -11.08
CA GLY A 31 -21.32 26.69 -11.48
C GLY A 31 -20.86 25.71 -12.57
N VAL A 32 -21.09 24.43 -12.35
CA VAL A 32 -20.72 23.45 -13.36
C VAL A 32 -21.47 23.73 -14.67
N CYS A 33 -22.77 23.97 -14.57
CA CYS A 33 -23.53 24.22 -15.79
C CYS A 33 -23.09 25.49 -16.51
N SER A 34 -22.66 26.53 -15.78
CA SER A 34 -22.17 27.74 -16.44
CA SER A 34 -22.15 27.75 -16.43
C SER A 34 -20.89 27.43 -17.24
N CYS A 35 -20.10 26.53 -16.70
CA CYS A 35 -18.90 26.10 -17.41
CA CYS A 35 -18.89 26.07 -17.40
C CYS A 35 -19.27 25.37 -18.71
N LEU A 36 -20.27 24.48 -18.63
CA LEU A 36 -20.74 23.76 -19.80
C LEU A 36 -21.29 24.72 -20.86
N ALA A 37 -21.99 25.76 -20.42
CA ALA A 37 -22.57 26.73 -21.34
C ALA A 37 -21.48 27.53 -22.02
N LEU A 38 -20.39 27.76 -21.28
CA LEU A 38 -19.30 28.54 -21.79
C LEU A 38 -18.57 27.86 -22.95
N TYR A 39 -18.33 26.56 -22.81
CA TYR A 39 -17.52 25.85 -23.82
C TYR A 39 -18.35 24.96 -24.72
N SER A 40 -19.63 24.80 -24.37
CA SER A 40 -20.57 23.97 -25.14
C SER A 40 -19.94 22.65 -25.64
N PRO A 41 -19.39 21.83 -24.72
CA PRO A 41 -18.78 20.58 -25.17
C PRO A 41 -19.79 19.62 -25.80
N ASP A 42 -19.32 18.78 -26.72
CA ASP A 42 -20.15 17.74 -27.33
C ASP A 42 -20.58 16.71 -26.30
N VAL A 43 -19.71 16.45 -25.34
CA VAL A 43 -19.90 15.36 -24.39
C VAL A 43 -19.46 15.84 -23.02
N VAL A 44 -20.14 15.40 -21.97
CA VAL A 44 -19.68 15.67 -20.63
C VAL A 44 -19.69 14.37 -19.85
N PHE A 45 -18.54 14.01 -19.29
CA PHE A 45 -18.41 12.83 -18.44
C PHE A 45 -18.43 13.31 -16.99
N LEU A 46 -19.41 12.87 -16.21
CA LEU A 46 -19.47 13.29 -14.81
C LEU A 46 -19.31 12.14 -13.85
N GLN A 47 -18.77 12.43 -12.68
CA GLN A 47 -18.72 11.43 -11.61
C GLN A 47 -19.25 12.05 -10.33
N GLU A 48 -19.76 11.17 -9.44
CA GLU A 48 -20.42 11.58 -8.20
C GLU A 48 -21.67 12.41 -8.46
N VAL A 49 -22.40 12.05 -9.50
CA VAL A 49 -23.73 12.59 -9.68
C VAL A 49 -24.64 11.90 -8.67
N ILE A 50 -25.63 12.62 -8.16
CA ILE A 50 -26.68 12.05 -7.32
C ILE A 50 -28.00 12.42 -7.97
N PRO A 51 -29.10 11.74 -7.59
CA PRO A 51 -30.37 12.04 -8.30
C PRO A 51 -30.80 13.52 -8.28
N PRO A 52 -30.66 14.25 -7.15
CA PRO A 52 -31.01 15.68 -7.25
C PRO A 52 -30.16 16.43 -8.27
N TYR A 53 -28.89 16.07 -8.36
CA TYR A 53 -27.99 16.71 -9.30
C TYR A 53 -28.48 16.49 -10.73
N CYS A 54 -29.11 15.35 -10.99
CA CYS A 54 -29.67 15.11 -12.31
C CYS A 54 -30.73 16.14 -12.65
N ALA A 55 -31.55 16.49 -11.65
CA ALA A 55 -32.59 17.50 -11.83
C ALA A 55 -31.98 18.86 -12.15
N TYR A 56 -30.87 19.19 -11.49
CA TYR A 56 -30.21 20.47 -11.71
C TYR A 56 -29.67 20.56 -13.13
N LEU A 57 -29.11 19.44 -13.59
CA LEU A 57 -28.58 19.33 -14.95
C LEU A 57 -29.67 19.48 -15.97
N LYS A 58 -30.81 18.85 -15.73
CA LYS A 58 -31.92 18.96 -16.66
C LYS A 58 -32.43 20.39 -16.76
N LYS A 59 -32.28 21.16 -15.68
CA LYS A 59 -32.71 22.56 -15.66
C LYS A 59 -31.65 23.47 -16.29
N ARG A 60 -30.39 23.31 -15.90
CA ARG A 60 -29.35 24.26 -16.28
C ARG A 60 -28.41 23.73 -17.37
N ALA A 61 -28.60 22.49 -17.78
CA ALA A 61 -27.85 21.96 -18.93
C ALA A 61 -28.80 21.19 -19.83
N ALA A 62 -29.92 21.82 -20.15
CA ALA A 62 -31.04 21.12 -20.77
C ALA A 62 -30.73 20.60 -22.15
N SER A 63 -29.69 21.12 -22.80
CA SER A 63 -29.39 20.71 -24.17
C SER A 63 -28.57 19.42 -24.22
N TYR A 64 -28.42 18.77 -23.06
CA TYR A 64 -27.70 17.49 -22.99
C TYR A 64 -28.65 16.36 -22.60
N THR A 65 -28.53 15.24 -23.30
CA THR A 65 -29.15 13.99 -22.90
C THR A 65 -28.29 13.36 -21.81
N ILE A 66 -28.92 12.89 -20.74
CA ILE A 66 -28.19 12.32 -19.61
C ILE A 66 -28.26 10.80 -19.53
N ILE A 67 -27.11 10.16 -19.60
CA ILE A 67 -27.03 8.71 -19.39
C ILE A 67 -26.34 8.47 -18.07
N THR A 68 -26.99 7.77 -17.15
CA THR A 68 -26.44 7.60 -15.80
C THR A 68 -25.89 6.20 -15.55
N GLY A 69 -25.00 6.07 -14.56
CA GLY A 69 -24.39 4.80 -14.22
C GLY A 69 -25.15 3.99 -13.18
N ASN A 70 -26.11 4.65 -12.54
CA ASN A 70 -27.03 4.02 -11.60
C ASN A 70 -28.22 4.94 -11.40
N GLU A 71 -29.18 4.52 -10.58
CA GLU A 71 -30.35 5.36 -10.36
C GLU A 71 -30.43 5.95 -8.96
N GLU A 72 -29.78 5.31 -7.98
CA GLU A 72 -29.78 5.84 -6.62
CA GLU A 72 -29.78 5.84 -6.62
C GLU A 72 -28.37 5.88 -6.05
N GLY A 73 -28.21 6.56 -4.92
CA GLY A 73 -26.90 6.74 -4.32
C GLY A 73 -26.14 7.76 -5.13
N TYR A 74 -24.89 7.46 -5.46
CA TYR A 74 -24.16 8.34 -6.34
C TYR A 74 -23.59 7.54 -7.47
N PHE A 75 -23.30 8.23 -8.58
CA PHE A 75 -22.98 7.52 -9.81
C PHE A 75 -22.39 8.43 -10.87
N THR A 76 -21.97 7.84 -11.97
CA THR A 76 -21.44 8.62 -13.07
C THR A 76 -22.54 8.95 -14.05
N ALA A 77 -22.26 9.88 -14.94
CA ALA A 77 -23.18 10.18 -16.02
C ALA A 77 -22.39 10.54 -17.26
N ILE A 78 -22.98 10.29 -18.41
CA ILE A 78 -22.42 10.84 -19.64
C ILE A 78 -23.48 11.71 -20.27
N LEU A 79 -23.11 12.95 -20.56
CA LEU A 79 -24.00 13.92 -21.14
C LEU A 79 -23.69 14.09 -22.62
N LEU A 80 -24.73 14.03 -23.45
CA LEU A 80 -24.58 14.09 -24.91
C LEU A 80 -25.31 15.30 -25.48
N LYS A 81 -24.57 16.16 -26.18
CA LYS A 81 -25.13 17.39 -26.73
C LYS A 81 -26.16 17.06 -27.79
N LYS A 82 -27.42 17.40 -27.53
CA LYS A 82 -28.49 17.10 -28.48
C LYS A 82 -28.23 17.74 -29.84
N GLY A 83 -28.49 17.00 -30.91
CA GLY A 83 -28.27 17.52 -32.23
C GLY A 83 -26.89 17.19 -32.75
N ARG A 84 -25.89 17.23 -31.88
CA ARG A 84 -24.54 16.88 -32.30
C ARG A 84 -24.29 15.40 -32.17
N VAL A 85 -24.75 14.83 -31.07
CA VAL A 85 -24.45 13.44 -30.77
C VAL A 85 -25.65 12.52 -30.96
N LYS A 86 -25.45 11.45 -31.71
CA LYS A 86 -26.48 10.43 -31.86
C LYS A 86 -26.23 9.26 -30.90
N PHE A 87 -27.10 9.10 -29.92
CA PHE A 87 -27.04 8.01 -28.95
C PHE A 87 -27.41 6.68 -29.61
N LYS A 88 -26.53 5.70 -29.51
CA LYS A 88 -26.76 4.41 -30.14
C LYS A 88 -27.04 3.35 -29.09
N SER A 89 -26.25 3.32 -28.02
CA SER A 89 -26.54 2.39 -26.92
C SER A 89 -25.80 2.74 -25.65
N GLN A 90 -26.33 2.26 -24.53
CA GLN A 90 -25.72 2.38 -23.22
C GLN A 90 -25.23 1.02 -22.74
N GLU A 91 -24.00 0.95 -22.25
CA GLU A 91 -23.50 -0.31 -21.70
C GLU A 91 -22.90 -0.07 -20.32
N ILE A 92 -23.19 -0.97 -19.39
CA ILE A 92 -22.66 -0.88 -18.04
C ILE A 92 -21.97 -2.18 -17.68
N ILE A 93 -20.69 -2.09 -17.32
CA ILE A 93 -19.91 -3.23 -16.86
C ILE A 93 -19.78 -3.16 -15.36
N PRO A 94 -20.13 -4.24 -14.65
CA PRO A 94 -20.02 -4.18 -13.19
C PRO A 94 -18.57 -4.27 -12.73
N PHE A 95 -18.28 -3.68 -11.57
CA PHE A 95 -17.05 -3.94 -10.83
C PHE A 95 -17.43 -4.84 -9.64
N PRO A 96 -17.36 -6.17 -9.82
CA PRO A 96 -17.91 -7.12 -8.85
C PRO A 96 -17.41 -6.95 -7.42
N ASN A 97 -16.23 -6.37 -7.26
CA ASN A 97 -15.59 -6.26 -5.97
C ASN A 97 -15.57 -4.81 -5.46
N THR A 98 -16.29 -3.92 -6.13
CA THR A 98 -16.36 -2.55 -5.62
C THR A 98 -17.07 -2.53 -4.27
N LYS A 99 -16.62 -1.66 -3.38
CA LYS A 99 -17.30 -1.44 -2.12
C LYS A 99 -17.95 -0.07 -2.16
N MET A 100 -17.85 0.60 -3.30
CA MET A 100 -18.31 1.98 -3.41
C MET A 100 -19.26 2.17 -4.58
N MET A 101 -19.86 1.06 -5.01
CA MET A 101 -20.85 1.04 -6.08
C MET A 101 -20.29 1.55 -7.40
N ARG A 102 -18.98 1.42 -7.58
CA ARG A 102 -18.37 1.93 -8.79
C ARG A 102 -18.61 0.96 -9.95
N ASN A 103 -18.60 1.48 -11.17
CA ASN A 103 -18.82 0.65 -12.34
C ASN A 103 -18.28 1.34 -13.60
N LEU A 104 -18.47 0.70 -14.75
CA LEU A 104 -17.95 1.23 -15.99
C LEU A 104 -19.12 1.54 -16.90
N LEU A 105 -19.29 2.82 -17.21
CA LEU A 105 -20.41 3.29 -18.03
C LEU A 105 -19.92 3.60 -19.44
N CYS A 106 -20.50 2.92 -20.42
CA CYS A 106 -20.09 3.12 -21.81
C CYS A 106 -21.30 3.56 -22.60
N VAL A 107 -21.11 4.58 -23.41
CA VAL A 107 -22.17 5.02 -24.30
C VAL A 107 -21.64 5.03 -25.71
N ASN A 108 -22.33 4.30 -26.59
CA ASN A 108 -21.91 4.25 -27.97
C ASN A 108 -22.69 5.30 -28.74
N VAL A 109 -21.98 6.09 -29.53
CA VAL A 109 -22.58 7.20 -30.23
C VAL A 109 -21.94 7.39 -31.60
N SER A 110 -22.61 8.18 -32.43
CA SER A 110 -21.95 8.72 -33.61
C SER A 110 -21.93 10.25 -33.47
N LEU A 111 -20.88 10.86 -33.99
CA LEU A 111 -20.67 12.30 -33.86
C LEU A 111 -19.67 12.77 -34.90
N GLY A 112 -20.07 13.77 -35.69
CA GLY A 112 -19.20 14.28 -36.74
C GLY A 112 -18.89 13.25 -37.82
N GLY A 113 -19.77 12.27 -37.96
CA GLY A 113 -19.60 11.25 -38.98
C GLY A 113 -18.68 10.12 -38.54
N ASN A 114 -18.42 10.03 -37.24
CA ASN A 114 -17.57 8.98 -36.69
C ASN A 114 -18.24 8.22 -35.55
N GLU A 115 -17.90 6.95 -35.42
CA GLU A 115 -18.45 6.11 -34.37
C GLU A 115 -17.55 6.16 -33.15
N PHE A 116 -18.17 6.37 -32.00
CA PHE A 116 -17.46 6.49 -30.74
C PHE A 116 -18.02 5.56 -29.68
N CYS A 117 -17.11 4.98 -28.91
CA CYS A 117 -17.48 4.39 -27.64
C CYS A 117 -16.94 5.29 -26.51
N LEU A 118 -17.84 6.00 -25.85
CA LEU A 118 -17.47 6.92 -24.78
C LEU A 118 -17.62 6.22 -23.43
N MET A 119 -16.58 6.32 -22.62
CA MET A 119 -16.50 5.56 -21.38
C MET A 119 -16.16 6.46 -20.20
N THR A 120 -16.78 6.19 -19.07
CA THR A 120 -16.37 6.85 -17.84
C THR A 120 -16.53 5.95 -16.63
N SER A 121 -15.80 6.29 -15.58
CA SER A 121 -15.84 5.54 -14.36
C SER A 121 -15.32 6.40 -13.25
N HIS A 122 -15.71 6.03 -12.04
CA HIS A 122 -15.20 6.65 -10.84
C HIS A 122 -14.49 5.53 -10.11
N LEU A 123 -13.21 5.29 -10.42
CA LEU A 123 -12.52 4.13 -9.85
C LEU A 123 -12.45 4.23 -8.33
N GLU A 124 -12.39 3.08 -7.67
CA GLU A 124 -12.36 2.98 -6.21
C GLU A 124 -11.45 4.06 -5.60
N SER A 125 -11.98 4.78 -4.62
CA SER A 125 -11.30 5.92 -4.01
C SER A 125 -10.34 5.51 -2.88
N THR A 126 -9.36 6.38 -2.64
CA THR A 126 -8.39 6.36 -1.53
C THR A 126 -7.24 5.39 -1.76
N ARG A 127 -6.11 5.73 -1.16
CA ARG A 127 -4.89 4.93 -1.24
CA ARG A 127 -4.90 4.92 -1.28
C ARG A 127 -5.16 3.49 -0.79
N GLU A 128 -5.96 3.36 0.26
CA GLU A 128 -6.27 2.07 0.87
C GLU A 128 -6.86 1.05 -0.10
N HIS A 129 -7.69 1.52 -1.02
CA HIS A 129 -8.31 0.59 -1.96
C HIS A 129 -7.57 0.54 -3.29
N SER A 130 -6.26 0.73 -3.23
CA SER A 130 -5.41 0.66 -4.41
C SER A 130 -5.57 -0.63 -5.24
N ALA A 131 -5.56 -1.79 -4.57
CA ALA A 131 -5.64 -3.07 -5.29
C ALA A 131 -6.92 -3.16 -6.10
N GLU A 132 -8.04 -2.81 -5.49
CA GLU A 132 -9.31 -2.84 -6.19
C GLU A 132 -9.34 -1.82 -7.34
N ARG A 133 -8.78 -0.64 -7.10
CA ARG A 133 -8.69 0.40 -8.13
C ARG A 133 -7.89 -0.11 -9.34
N ILE A 134 -6.76 -0.76 -9.07
CA ILE A 134 -5.95 -1.32 -10.14
C ILE A 134 -6.76 -2.35 -10.94
N ARG A 135 -7.52 -3.18 -10.24
CA ARG A 135 -8.32 -4.20 -10.92
C ARG A 135 -9.39 -3.54 -11.80
N GLN A 136 -9.96 -2.45 -11.31
CA GLN A 136 -10.95 -1.71 -12.07
C GLN A 136 -10.29 -1.08 -13.30
N LEU A 137 -9.10 -0.52 -13.12
CA LEU A 137 -8.36 0.03 -14.26
C LEU A 137 -8.18 -1.02 -15.35
N LYS A 138 -7.80 -2.23 -14.95
CA LYS A 138 -7.62 -3.35 -15.89
C LYS A 138 -8.92 -3.66 -16.61
N THR A 139 -10.04 -3.61 -15.90
CA THR A 139 -11.34 -3.84 -16.51
C THR A 139 -11.64 -2.75 -17.54
N VAL A 140 -11.29 -1.51 -17.20
CA VAL A 140 -11.47 -0.41 -18.13
C VAL A 140 -10.61 -0.59 -19.37
N LEU A 141 -9.33 -0.87 -19.16
CA LEU A 141 -8.38 -0.99 -20.26
C LEU A 141 -8.78 -2.15 -21.16
N GLY A 142 -9.21 -3.25 -20.56
CA GLY A 142 -9.63 -4.42 -21.31
C GLY A 142 -10.83 -4.10 -22.18
N LYS A 143 -11.79 -3.36 -21.61
CA LYS A 143 -12.96 -2.94 -22.35
C LYS A 143 -12.59 -2.04 -23.52
N MET A 144 -11.69 -1.08 -23.30
CA MET A 144 -11.25 -0.18 -24.37
C MET A 144 -10.69 -1.00 -25.53
N GLN A 145 -9.95 -2.06 -25.21
CA GLN A 145 -9.33 -2.89 -26.23
C GLN A 145 -10.34 -3.81 -26.94
N GLU A 146 -11.42 -4.12 -26.25
CA GLU A 146 -12.45 -5.01 -26.78
CA GLU A 146 -12.46 -5.00 -26.76
C GLU A 146 -13.27 -4.34 -27.88
N ALA A 147 -13.36 -3.01 -27.85
CA ALA A 147 -14.13 -2.28 -28.85
C ALA A 147 -13.66 -2.59 -30.28
N PRO A 148 -14.60 -2.60 -31.24
CA PRO A 148 -14.25 -2.83 -32.65
C PRO A 148 -13.23 -1.81 -33.13
N ASP A 149 -12.34 -2.22 -34.03
CA ASP A 149 -11.21 -1.37 -34.42
C ASP A 149 -11.67 -0.13 -35.20
N SER A 150 -12.86 -0.21 -35.78
CA SER A 150 -13.46 0.92 -36.48
C SER A 150 -13.89 2.03 -35.50
N THR A 151 -14.33 1.63 -34.31
CA THR A 151 -14.82 2.58 -33.31
C THR A 151 -13.68 3.34 -32.64
N THR A 152 -13.93 4.62 -32.35
CA THR A 152 -12.99 5.42 -31.60
C THR A 152 -13.35 5.38 -30.13
N VAL A 153 -12.39 4.96 -29.30
CA VAL A 153 -12.65 4.76 -27.89
C VAL A 153 -12.05 5.88 -27.08
N ILE A 154 -12.88 6.55 -26.30
CA ILE A 154 -12.40 7.55 -25.38
C ILE A 154 -12.92 7.24 -23.99
N PHE A 155 -11.97 7.03 -23.08
CA PHE A 155 -12.31 6.98 -21.67
C PHE A 155 -11.96 8.31 -21.09
N ALA A 156 -12.83 8.84 -20.24
CA ALA A 156 -12.53 10.03 -19.46
C ALA A 156 -13.28 9.93 -18.15
N GLY A 157 -12.55 10.00 -17.04
CA GLY A 157 -13.18 9.86 -15.74
C GLY A 157 -12.24 10.08 -14.59
N ASP A 158 -12.75 9.81 -13.39
CA ASP A 158 -11.99 9.98 -12.17
C ASP A 158 -11.36 8.64 -11.84
N THR A 159 -10.08 8.50 -12.18
CA THR A 159 -9.38 7.24 -12.00
C THR A 159 -8.81 7.06 -10.61
N ASN A 160 -8.74 8.15 -9.84
CA ASN A 160 -8.13 8.11 -8.52
C ASN A 160 -6.72 7.51 -8.50
N LEU A 161 -6.09 7.48 -9.68
CA LEU A 161 -4.82 6.81 -9.88
C LEU A 161 -3.63 7.59 -9.35
N ARG A 162 -2.71 6.84 -8.74
CA ARG A 162 -1.35 7.28 -8.48
C ARG A 162 -0.47 6.75 -9.61
N ASP A 163 0.49 7.53 -10.06
CA ASP A 163 1.32 7.15 -11.21
C ASP A 163 1.95 5.76 -11.04
N GLN A 164 2.43 5.46 -9.84
CA GLN A 164 3.02 4.16 -9.58
C GLN A 164 2.04 3.00 -9.74
N GLU A 165 0.74 3.29 -9.61
CA GLU A 165 -0.28 2.24 -9.73
C GLU A 165 -0.47 1.82 -11.19
N VAL A 166 -0.35 2.78 -12.10
CA VAL A 166 -0.41 2.49 -13.53
C VAL A 166 0.76 1.61 -13.95
N ILE A 167 1.93 1.91 -13.41
CA ILE A 167 3.13 1.11 -13.65
C ILE A 167 2.90 -0.32 -13.14
N LYS A 168 2.40 -0.42 -11.92
CA LYS A 168 2.10 -1.70 -11.28
C LYS A 168 1.09 -2.48 -12.11
N CYS A 169 0.27 -1.74 -12.84
CA CYS A 169 -0.75 -2.31 -13.69
C CYS A 169 -0.13 -2.84 -14.98
N GLY A 170 1.08 -2.37 -15.27
CA GLY A 170 1.77 -2.74 -16.51
C GLY A 170 1.90 -1.58 -17.47
N GLY A 171 1.37 -0.42 -17.09
CA GLY A 171 1.33 0.72 -17.98
C GLY A 171 0.18 0.61 -18.96
N LEU A 172 -0.11 1.69 -19.68
CA LEU A 172 -1.14 1.64 -20.70
C LEU A 172 -0.71 0.74 -21.86
N PRO A 173 -1.64 -0.07 -22.38
CA PRO A 173 -1.38 -0.91 -23.55
C PRO A 173 -1.01 -0.07 -24.78
N ASP A 174 -0.37 -0.69 -25.75
CA ASP A 174 0.27 0.01 -26.87
C ASP A 174 -0.64 0.96 -27.64
N ASN A 175 -1.88 0.55 -27.87
CA ASN A 175 -2.79 1.33 -28.69
C ASN A 175 -3.63 2.28 -27.86
N VAL A 176 -3.30 2.39 -26.57
CA VAL A 176 -4.02 3.27 -25.67
C VAL A 176 -3.12 4.39 -25.15
N PHE A 177 -3.59 5.63 -25.29
CA PHE A 177 -2.80 6.78 -24.95
C PHE A 177 -3.51 7.67 -23.94
N ASP A 178 -2.74 8.27 -23.05
CA ASP A 178 -3.25 9.26 -22.11
C ASP A 178 -3.13 10.64 -22.78
N ALA A 179 -4.24 11.37 -22.85
CA ALA A 179 -4.30 12.63 -23.58
C ALA A 179 -3.31 13.68 -23.07
N TRP A 180 -3.24 13.81 -21.75
CA TRP A 180 -2.27 14.68 -21.08
C TRP A 180 -0.84 14.33 -21.48
N GLU A 181 -0.52 13.04 -21.44
CA GLU A 181 0.79 12.59 -21.85
C GLU A 181 1.04 12.90 -23.32
N PHE A 182 0.04 12.60 -24.15
CA PHE A 182 0.15 12.80 -25.59
C PHE A 182 0.50 14.25 -25.92
N LEU A 183 -0.10 15.18 -25.19
CA LEU A 183 0.14 16.60 -25.41
C LEU A 183 1.44 17.07 -24.73
N GLY A 184 2.20 16.13 -24.18
CA GLY A 184 3.52 16.44 -23.63
C GLY A 184 3.53 16.80 -22.16
N LYS A 185 2.57 16.28 -21.41
CA LYS A 185 2.48 16.54 -19.96
C LYS A 185 2.48 18.04 -19.60
N PRO A 186 1.60 18.84 -20.20
CA PRO A 186 1.67 20.27 -19.89
C PRO A 186 1.36 20.54 -18.41
N LYS A 187 2.13 21.43 -17.81
CA LYS A 187 2.04 21.71 -16.38
C LYS A 187 0.72 22.35 -15.96
N HIS A 188 0.15 23.18 -16.83
CA HIS A 188 -1.02 23.97 -16.45
C HIS A 188 -2.24 23.13 -16.11
N CYS A 189 -2.32 21.92 -16.65
CA CYS A 189 -3.47 21.09 -16.32
C CYS A 189 -3.03 19.76 -15.73
N GLN A 190 -1.85 19.72 -15.13
CA GLN A 190 -1.34 18.46 -14.60
C GLN A 190 -2.19 17.94 -13.43
N TYR A 191 -2.49 18.81 -12.47
CA TYR A 191 -3.21 18.35 -11.28
C TYR A 191 -4.68 18.73 -11.36
N THR A 192 -5.54 17.74 -11.14
CA THR A 192 -6.97 17.91 -11.25
C THR A 192 -7.64 17.89 -9.88
N TRP A 193 -6.83 17.64 -8.85
CA TRP A 193 -7.32 17.63 -7.47
C TRP A 193 -6.20 18.18 -6.61
N ASP A 194 -6.44 19.29 -5.93
CA ASP A 194 -5.38 20.11 -5.35
C ASP A 194 -5.89 20.84 -4.12
N THR A 195 -5.54 20.34 -2.93
CA THR A 195 -6.09 20.89 -1.71
C THR A 195 -5.44 22.22 -1.34
N LYS A 196 -4.34 22.54 -2.01
CA LYS A 196 -3.74 23.86 -1.84
C LYS A 196 -4.57 24.91 -2.57
N ALA A 197 -4.92 24.63 -3.81
CA ALA A 197 -5.67 25.59 -4.62
C ALA A 197 -7.19 25.44 -4.44
N ASN A 198 -7.63 24.32 -3.90
CA ASN A 198 -9.06 24.05 -3.74
C ASN A 198 -9.39 23.85 -2.26
N ASN A 199 -10.42 24.55 -1.79
CA ASN A 199 -10.77 24.57 -0.38
C ASN A 199 -12.00 23.75 0.00
N ASN A 200 -12.66 23.14 -0.98
CA ASN A 200 -13.99 22.55 -0.75
C ASN A 200 -14.02 21.52 0.38
N LEU A 201 -12.95 20.75 0.52
CA LEU A 201 -12.91 19.70 1.53
C LEU A 201 -12.37 20.21 2.85
N ARG A 202 -11.85 21.44 2.86
CA ARG A 202 -11.30 22.04 4.07
C ARG A 202 -10.18 21.18 4.66
N ILE A 203 -9.42 20.55 3.77
CA ILE A 203 -8.24 19.82 4.18
C ILE A 203 -7.10 20.81 4.42
N PRO A 204 -6.61 20.85 5.67
CA PRO A 204 -5.58 21.79 6.12
C PRO A 204 -4.17 21.33 5.75
N ALA A 205 -3.99 20.97 4.48
CA ALA A 205 -2.73 20.43 3.98
C ALA A 205 -2.69 20.57 2.47
N ALA A 206 -1.50 20.50 1.88
CA ALA A 206 -1.34 20.72 0.44
C ALA A 206 -0.96 19.42 -0.25
N TYR A 207 -1.95 18.78 -0.87
CA TYR A 207 -1.71 17.59 -1.67
C TYR A 207 -2.40 17.77 -2.99
N LYS A 208 -1.77 17.30 -4.05
CA LYS A 208 -2.35 17.44 -5.37
C LYS A 208 -2.11 16.18 -6.19
N HIS A 209 -3.08 15.84 -7.04
CA HIS A 209 -3.03 14.62 -7.83
C HIS A 209 -3.65 14.80 -9.20
N ARG A 210 -3.20 13.97 -10.13
CA ARG A 210 -3.84 13.87 -11.43
C ARG A 210 -4.76 12.66 -11.38
N PHE A 211 -5.83 12.78 -10.60
CA PHE A 211 -6.82 11.72 -10.46
C PHE A 211 -7.65 11.55 -11.71
N ASP A 212 -7.95 12.68 -12.34
CA ASP A 212 -8.84 12.69 -13.49
C ASP A 212 -8.04 12.57 -14.78
N ARG A 213 -8.36 11.56 -15.58
CA ARG A 213 -7.55 11.25 -16.75
C ARG A 213 -8.40 10.88 -17.95
N ILE A 214 -7.80 11.01 -19.13
CA ILE A 214 -8.42 10.71 -20.39
C ILE A 214 -7.55 9.70 -21.12
N PHE A 215 -8.12 8.53 -21.39
CA PHE A 215 -7.45 7.50 -22.20
C PHE A 215 -8.16 7.43 -23.54
N PHE A 216 -7.42 7.21 -24.60
CA PHE A 216 -8.06 6.98 -25.88
C PHE A 216 -7.32 5.93 -26.67
N ARG A 217 -8.08 5.17 -27.43
CA ARG A 217 -7.51 4.20 -28.35
C ARG A 217 -7.94 4.58 -29.75
N ALA A 218 -6.98 4.70 -30.66
CA ALA A 218 -7.35 4.89 -32.05
C ALA A 218 -6.36 4.21 -32.98
N GLU A 219 -6.84 3.85 -34.18
CA GLU A 219 -5.96 3.44 -35.26
C GLU A 219 -4.98 4.58 -35.48
N GLU A 220 -3.73 4.24 -35.77
CA GLU A 220 -2.64 5.22 -35.75
C GLU A 220 -2.93 6.54 -36.49
N GLY A 221 -2.86 7.64 -35.75
CA GLY A 221 -3.02 8.96 -36.29
C GLY A 221 -4.45 9.46 -36.41
N HIS A 222 -5.43 8.58 -36.17
CA HIS A 222 -6.82 8.92 -36.45
C HIS A 222 -7.48 9.74 -35.36
N LEU A 223 -6.91 9.75 -34.16
CA LEU A 223 -7.45 10.60 -33.10
C LEU A 223 -6.33 11.45 -32.49
N ILE A 224 -6.38 12.75 -32.77
CA ILE A 224 -5.31 13.66 -32.36
C ILE A 224 -5.82 14.68 -31.35
N PRO A 225 -5.38 14.55 -30.09
CA PRO A 225 -5.70 15.54 -29.05
C PRO A 225 -5.17 16.90 -29.47
N GLN A 226 -5.97 17.94 -29.30
CA GLN A 226 -5.58 19.27 -29.75
C GLN A 226 -5.25 20.17 -28.57
N SER A 227 -6.00 19.99 -27.49
CA SER A 227 -5.81 20.83 -26.32
C SER A 227 -6.33 20.15 -25.06
N LEU A 228 -5.76 20.52 -23.93
CA LEU A 228 -6.24 20.07 -22.64
C LEU A 228 -6.12 21.24 -21.66
N ASP A 229 -7.21 21.55 -20.99
CA ASP A 229 -7.25 22.66 -20.03
C ASP A 229 -8.13 22.34 -18.85
N LEU A 230 -7.83 22.96 -17.72
CA LEU A 230 -8.63 22.81 -16.52
C LEU A 230 -9.82 23.75 -16.57
N VAL A 231 -10.93 23.34 -15.95
CA VAL A 231 -12.06 24.23 -15.78
C VAL A 231 -12.51 24.11 -14.34
N GLY A 232 -13.30 25.07 -13.88
CA GLY A 232 -13.91 25.00 -12.57
C GLY A 232 -13.02 25.60 -11.49
N LEU A 233 -12.11 26.50 -11.88
CA LEU A 233 -11.15 27.09 -10.96
C LEU A 233 -11.61 28.44 -10.40
N GLU A 234 -12.84 28.83 -10.70
CA GLU A 234 -13.41 30.07 -10.18
C GLU A 234 -14.26 29.79 -8.94
N LYS A 235 -14.02 30.54 -7.87
CA LYS A 235 -14.89 30.46 -6.71
C LYS A 235 -16.28 30.99 -7.07
N LEU A 236 -17.30 30.38 -6.48
CA LEU A 236 -18.67 30.81 -6.70
C LEU A 236 -19.08 31.80 -5.61
N ASP A 237 -20.32 32.26 -5.64
CA ASP A 237 -20.80 33.25 -4.68
C ASP A 237 -20.57 32.80 -3.23
N CYS A 238 -20.75 31.51 -2.97
CA CYS A 238 -20.60 30.97 -1.62
C CYS A 238 -19.14 30.86 -1.17
N GLY A 239 -18.20 31.24 -2.04
CA GLY A 239 -16.80 31.23 -1.66
C GLY A 239 -16.15 29.87 -1.80
N ARG A 240 -16.86 28.94 -2.41
CA ARG A 240 -16.34 27.60 -2.66
C ARG A 240 -16.35 27.31 -4.15
N PHE A 241 -15.64 26.26 -4.55
CA PHE A 241 -15.57 25.90 -5.96
C PHE A 241 -16.72 24.96 -6.32
N PRO A 242 -16.99 24.78 -7.63
CA PRO A 242 -18.03 23.81 -7.98
C PRO A 242 -17.76 22.44 -7.39
N SER A 243 -16.50 22.07 -7.26
CA SER A 243 -16.15 20.73 -6.82
C SER A 243 -14.80 20.75 -6.13
N ASP A 244 -14.49 19.68 -5.40
CA ASP A 244 -13.15 19.52 -4.86
C ASP A 244 -12.17 19.14 -5.99
N HIS A 245 -12.69 18.68 -7.12
CA HIS A 245 -11.86 18.41 -8.30
C HIS A 245 -11.91 19.60 -9.27
N TRP A 246 -10.83 19.81 -10.02
CA TRP A 246 -10.96 20.60 -11.25
C TRP A 246 -11.49 19.67 -12.35
N GLY A 247 -12.22 20.22 -13.30
CA GLY A 247 -12.60 19.45 -14.46
C GLY A 247 -11.58 19.61 -15.57
N LEU A 248 -11.66 18.71 -16.55
CA LEU A 248 -10.79 18.76 -17.73
C LEU A 248 -11.62 19.07 -18.97
N LEU A 249 -11.17 20.05 -19.74
CA LEU A 249 -11.71 20.34 -21.06
C LEU A 249 -10.72 19.87 -22.12
N CYS A 250 -11.18 18.98 -22.98
CA CYS A 250 -10.33 18.40 -24.01
C CYS A 250 -10.96 18.52 -25.40
N THR A 251 -10.16 18.90 -26.40
CA THR A 251 -10.62 18.83 -27.78
C THR A 251 -9.71 17.89 -28.59
N LEU A 252 -10.31 17.08 -29.46
CA LEU A 252 -9.55 16.14 -30.26
C LEU A 252 -10.04 16.17 -31.70
N ASN A 253 -9.12 16.02 -32.65
CA ASN A 253 -9.52 15.89 -34.04
C ASN A 253 -9.61 14.44 -34.43
N VAL A 254 -10.62 14.11 -35.22
CA VAL A 254 -10.71 12.79 -35.82
C VAL A 254 -10.24 12.91 -37.25
N VAL A 255 -9.17 12.21 -37.58
CA VAL A 255 -8.50 12.39 -38.85
C VAL A 255 -8.65 11.15 -39.74
N LEU A 256 -8.65 11.35 -41.06
CA LEU A 256 -8.72 10.28 -42.04
C LEU A 256 -7.44 9.43 -42.05
N THR B 9 26.88 -27.92 20.21
CA THR B 9 25.47 -27.79 20.56
C THR B 9 25.22 -26.48 21.29
N ILE B 10 24.60 -25.53 20.60
CA ILE B 10 24.30 -24.23 21.18
C ILE B 10 22.83 -23.90 21.04
N SER B 11 22.31 -23.11 21.95
CA SER B 11 20.88 -22.87 21.97
C SER B 11 20.56 -21.40 22.14
N PHE B 12 19.49 -20.96 21.51
CA PHE B 12 19.02 -19.62 21.76
C PHE B 12 17.50 -19.54 21.68
N ILE B 13 16.99 -18.46 22.24
CA ILE B 13 15.60 -18.09 22.09
C ILE B 13 15.55 -16.69 21.50
N THR B 14 14.76 -16.50 20.46
CA THR B 14 14.49 -15.16 20.00
C THR B 14 13.00 -14.93 20.28
N TRP B 15 12.66 -13.71 20.70
CA TRP B 15 11.33 -13.47 21.21
C TRP B 15 11.02 -11.98 21.27
N ASN B 16 10.00 -11.56 20.51
CA ASN B 16 9.43 -10.24 20.69
C ASN B 16 8.46 -10.33 21.87
N ILE B 17 8.80 -9.67 22.98
CA ILE B 17 8.07 -9.90 24.21
C ILE B 17 7.03 -8.82 24.51
N ASP B 18 6.80 -7.96 23.52
CA ASP B 18 5.69 -7.02 23.56
C ASP B 18 5.69 -6.14 24.79
N GLY B 19 6.81 -5.47 25.03
CA GLY B 19 6.93 -4.55 26.14
C GLY B 19 6.05 -3.35 25.93
N LEU B 20 5.66 -3.12 24.69
CA LEU B 20 4.79 -1.99 24.37
C LEU B 20 3.37 -2.22 24.87
N ASP B 21 3.04 -3.45 25.24
CA ASP B 21 1.77 -3.72 25.91
C ASP B 21 1.94 -3.59 27.41
N GLY B 22 1.30 -2.58 28.00
CA GLY B 22 1.45 -2.31 29.42
C GLY B 22 0.61 -3.16 30.33
N CYS B 23 -0.39 -3.83 29.77
CA CYS B 23 -1.30 -4.64 30.59
C CYS B 23 -0.66 -5.96 30.99
N ASN B 24 -0.75 -6.26 32.28
CA ASN B 24 -0.15 -7.45 32.88
C ASN B 24 1.33 -7.57 32.58
N LEU B 25 1.98 -6.44 32.31
CA LEU B 25 3.38 -6.46 31.91
C LEU B 25 4.31 -7.04 32.97
N PRO B 26 4.15 -6.66 34.25
CA PRO B 26 5.01 -7.31 35.25
C PRO B 26 4.87 -8.81 35.27
N GLU B 27 3.63 -9.30 35.27
CA GLU B 27 3.38 -10.74 35.28
C GLU B 27 3.89 -11.41 34.01
N ARG B 28 3.67 -10.77 32.87
CA ARG B 28 4.12 -11.33 31.59
C ARG B 28 5.65 -11.39 31.50
N ALA B 29 6.32 -10.37 32.00
CA ALA B 29 7.78 -10.37 32.04
C ALA B 29 8.28 -11.54 32.86
N ARG B 30 7.65 -11.76 34.01
CA ARG B 30 8.00 -12.89 34.87
C ARG B 30 7.70 -14.19 34.15
N GLY B 31 6.59 -14.23 33.42
CA GLY B 31 6.24 -15.37 32.60
C GLY B 31 7.30 -15.65 31.54
N VAL B 32 7.78 -14.61 30.87
CA VAL B 32 8.86 -14.75 29.91
C VAL B 32 10.08 -15.42 30.55
N CYS B 33 10.49 -14.92 31.70
CA CYS B 33 11.68 -15.43 32.38
C CYS B 33 11.49 -16.83 32.93
N SER B 34 10.27 -17.21 33.27
CA SER B 34 9.98 -18.58 33.68
C SER B 34 10.21 -19.52 32.50
N CYS B 35 9.86 -19.05 31.30
CA CYS B 35 10.10 -19.82 30.09
CA CYS B 35 10.11 -19.81 30.08
C CYS B 35 11.60 -19.93 29.82
N LEU B 36 12.32 -18.82 29.96
CA LEU B 36 13.77 -18.82 29.79
C LEU B 36 14.48 -19.74 30.78
N ALA B 37 13.97 -19.77 32.00
CA ALA B 37 14.54 -20.60 33.05
C ALA B 37 14.39 -22.07 32.70
N LEU B 38 13.28 -22.41 32.06
CA LEU B 38 13.02 -23.80 31.72
C LEU B 38 14.06 -24.31 30.71
N TYR B 39 14.43 -23.47 29.76
CA TYR B 39 15.28 -23.92 28.65
C TYR B 39 16.75 -23.52 28.79
N SER B 40 17.01 -22.50 29.61
CA SER B 40 18.39 -22.02 29.83
C SER B 40 19.21 -21.88 28.56
N PRO B 41 18.71 -21.12 27.57
CA PRO B 41 19.48 -21.02 26.32
C PRO B 41 20.78 -20.28 26.53
N ASP B 42 21.76 -20.49 25.65
CA ASP B 42 23.02 -19.79 25.72
C ASP B 42 22.84 -18.30 25.44
N VAL B 43 21.86 -18.00 24.58
CA VAL B 43 21.68 -16.65 24.08
C VAL B 43 20.18 -16.38 24.02
N VAL B 44 19.77 -15.18 24.40
CA VAL B 44 18.38 -14.76 24.21
C VAL B 44 18.36 -13.47 23.41
N PHE B 45 17.67 -13.49 22.28
CA PHE B 45 17.43 -12.28 21.53
C PHE B 45 16.02 -11.78 21.87
N LEU B 46 15.90 -10.54 22.35
CA LEU B 46 14.57 -10.01 22.65
C LEU B 46 14.27 -8.78 21.83
N GLN B 47 13.00 -8.59 21.50
CA GLN B 47 12.56 -7.36 20.88
C GLN B 47 11.43 -6.74 21.69
N GLU B 48 11.27 -5.43 21.54
CA GLU B 48 10.27 -4.63 22.29
C GLU B 48 10.51 -4.66 23.80
N VAL B 49 11.77 -4.61 24.18
CA VAL B 49 12.14 -4.38 25.56
C VAL B 49 12.01 -2.89 25.84
N ILE B 50 11.44 -2.54 27.00
CA ILE B 50 11.37 -1.15 27.45
C ILE B 50 12.22 -1.01 28.72
N PRO B 51 12.62 0.23 29.07
CA PRO B 51 13.53 0.43 30.21
C PRO B 51 13.19 -0.37 31.50
N PRO B 52 11.95 -0.31 32.01
CA PRO B 52 11.75 -1.08 33.26
C PRO B 52 11.80 -2.60 33.04
N TYR B 53 11.48 -3.04 31.83
CA TYR B 53 11.59 -4.44 31.47
C TYR B 53 13.06 -4.83 31.48
N CYS B 54 13.89 -3.96 30.91
CA CYS B 54 15.32 -4.17 30.85
C CYS B 54 15.91 -4.18 32.25
N ALA B 55 15.47 -3.25 33.09
CA ALA B 55 15.90 -3.19 34.47
C ALA B 55 15.58 -4.49 35.22
N TYR B 56 14.36 -5.00 35.01
CA TYR B 56 13.97 -6.28 35.57
C TYR B 56 14.89 -7.41 35.10
N LEU B 57 15.22 -7.41 33.81
CA LEU B 57 16.05 -8.45 33.23
C LEU B 57 17.46 -8.44 33.79
N LYS B 58 17.97 -7.23 34.07
CA LYS B 58 19.30 -7.06 34.62
C LYS B 58 19.43 -7.72 35.97
N LYS B 59 18.32 -7.76 36.71
CA LYS B 59 18.31 -8.45 38.00
C LYS B 59 17.94 -9.92 37.80
N ARG B 60 16.86 -10.17 37.06
CA ARG B 60 16.32 -11.51 36.93
C ARG B 60 17.26 -12.42 36.13
N ALA B 61 17.88 -11.85 35.10
CA ALA B 61 18.82 -12.61 34.28
C ALA B 61 20.24 -12.12 34.52
N ALA B 62 20.57 -11.87 35.79
CA ALA B 62 21.90 -11.42 36.18
C ALA B 62 22.98 -12.41 35.76
N SER B 63 22.57 -13.65 35.48
CA SER B 63 23.47 -14.70 35.00
C SER B 63 23.74 -14.59 33.49
N TYR B 64 23.13 -13.59 32.86
CA TYR B 64 23.38 -13.29 31.45
C TYR B 64 24.02 -11.93 31.32
N THR B 65 24.95 -11.80 30.39
CA THR B 65 25.42 -10.47 30.00
C THR B 65 24.35 -9.86 29.10
N ILE B 66 23.98 -8.62 29.40
CA ILE B 66 22.90 -8.00 28.67
C ILE B 66 23.38 -6.84 27.81
N ILE B 67 23.15 -6.97 26.51
CA ILE B 67 23.48 -5.97 25.50
C ILE B 67 22.19 -5.40 24.92
N THR B 68 22.08 -4.07 24.87
CA THR B 68 20.83 -3.44 24.46
C THR B 68 20.96 -2.55 23.22
N GLY B 69 19.88 -2.45 22.44
CA GLY B 69 19.90 -1.69 21.21
C GLY B 69 19.60 -0.20 21.36
N ASN B 70 19.16 0.18 22.56
CA ASN B 70 18.81 1.56 22.87
C ASN B 70 18.54 1.69 24.36
N GLU B 71 18.33 2.91 24.83
CA GLU B 71 18.18 3.20 26.25
CA GLU B 71 18.16 3.12 26.26
C GLU B 71 16.76 3.65 26.56
N GLU B 72 16.12 4.26 25.58
CA GLU B 72 14.77 4.78 25.76
C GLU B 72 13.81 4.17 24.77
N GLY B 73 12.52 4.38 25.00
CA GLY B 73 11.49 3.89 24.12
C GLY B 73 11.45 2.38 24.23
N TYR B 74 11.50 1.71 23.09
CA TYR B 74 11.56 0.27 23.12
C TYR B 74 12.67 -0.15 22.19
N PHE B 75 13.30 -1.29 22.50
CA PHE B 75 14.53 -1.65 21.83
C PHE B 75 14.81 -3.14 21.95
N THR B 76 15.80 -3.60 21.19
CA THR B 76 16.18 -4.99 21.25
C THR B 76 17.18 -5.24 22.35
N ALA B 77 17.39 -6.50 22.65
CA ALA B 77 18.44 -6.88 23.58
C ALA B 77 18.99 -8.24 23.20
N ILE B 78 20.24 -8.47 23.55
CA ILE B 78 20.84 -9.77 23.39
C ILE B 78 21.42 -10.16 24.73
N LEU B 79 20.95 -11.31 25.23
CA LEU B 79 21.37 -11.84 26.50
C LEU B 79 22.37 -12.96 26.24
N LEU B 80 23.52 -12.91 26.90
CA LEU B 80 24.56 -13.92 26.68
C LEU B 80 24.87 -14.68 27.96
N LYS B 81 24.68 -16.00 27.95
CA LYS B 81 24.87 -16.79 29.17
C LYS B 81 26.34 -16.78 29.63
N LYS B 82 26.55 -16.24 30.82
CA LYS B 82 27.89 -16.16 31.39
C LYS B 82 28.48 -17.54 31.59
N GLY B 83 29.75 -17.70 31.26
CA GLY B 83 30.41 -18.99 31.39
C GLY B 83 30.24 -19.84 30.15
N ARG B 84 29.17 -19.60 29.41
CA ARG B 84 28.98 -20.29 28.14
C ARG B 84 29.40 -19.38 27.00
N VAL B 85 29.04 -18.12 27.09
CA VAL B 85 29.30 -17.19 26.01
C VAL B 85 30.27 -16.09 26.42
N LYS B 86 31.35 -15.96 25.66
CA LYS B 86 32.31 -14.88 25.89
C LYS B 86 31.95 -13.69 25.02
N PHE B 87 31.59 -12.58 25.66
CA PHE B 87 31.22 -11.36 24.96
C PHE B 87 32.47 -10.61 24.49
N LYS B 88 32.60 -10.38 23.19
CA LYS B 88 33.80 -9.73 22.69
C LYS B 88 33.57 -8.28 22.27
N SER B 89 32.40 -7.98 21.73
CA SER B 89 32.08 -6.61 21.36
C SER B 89 30.63 -6.49 20.93
N GLN B 90 30.10 -5.28 21.00
CA GLN B 90 28.79 -5.03 20.45
C GLN B 90 28.88 -3.97 19.38
N GLU B 91 28.00 -4.09 18.39
CA GLU B 91 27.95 -3.10 17.34
C GLU B 91 26.49 -2.78 17.08
N ILE B 92 26.21 -1.50 16.89
CA ILE B 92 24.87 -1.10 16.54
C ILE B 92 24.95 -0.36 15.22
N ILE B 93 24.15 -0.82 14.27
CA ILE B 93 24.08 -0.20 12.97
C ILE B 93 22.71 0.42 12.82
N PRO B 94 22.67 1.72 12.50
CA PRO B 94 21.37 2.39 12.41
C PRO B 94 20.61 2.02 11.16
N PHE B 95 19.29 2.14 11.26
CA PHE B 95 18.43 2.15 10.10
C PHE B 95 18.09 3.61 9.87
N PRO B 96 18.82 4.27 8.96
CA PRO B 96 18.77 5.74 8.86
C PRO B 96 17.37 6.30 8.60
N ASN B 97 16.50 5.52 7.98
CA ASN B 97 15.17 6.01 7.64
C ASN B 97 14.05 5.31 8.40
N THR B 98 14.39 4.65 9.51
CA THR B 98 13.37 4.06 10.36
C THR B 98 12.48 5.15 10.98
N LYS B 99 11.19 4.85 11.11
CA LYS B 99 10.27 5.74 11.81
C LYS B 99 9.90 5.16 13.16
N MET B 100 10.51 4.02 13.50
CA MET B 100 10.15 3.28 14.68
C MET B 100 11.37 2.95 15.53
N MET B 101 12.40 3.76 15.38
CA MET B 101 13.63 3.67 16.17
C MET B 101 14.32 2.32 16.05
N ARG B 102 14.13 1.64 14.93
CA ARG B 102 14.72 0.33 14.75
C ARG B 102 16.18 0.41 14.32
N ASN B 103 16.95 -0.61 14.67
CA ASN B 103 18.36 -0.67 14.33
C ASN B 103 18.83 -2.11 14.30
N LEU B 104 20.11 -2.29 14.06
CA LEU B 104 20.65 -3.63 13.93
C LEU B 104 21.67 -3.82 15.04
N LEU B 105 21.38 -4.70 15.98
CA LEU B 105 22.26 -4.93 17.11
C LEU B 105 23.07 -6.21 16.86
N CYS B 106 24.40 -6.09 16.91
CA CYS B 106 25.30 -7.22 16.68
C CYS B 106 26.22 -7.39 17.88
N VAL B 107 26.51 -8.63 18.22
CA VAL B 107 27.54 -8.90 19.20
C VAL B 107 28.53 -9.90 18.61
N ASN B 108 29.81 -9.65 18.82
CA ASN B 108 30.82 -10.63 18.52
C ASN B 108 31.05 -11.44 19.76
N VAL B 109 30.93 -12.75 19.65
CA VAL B 109 31.13 -13.60 20.82
C VAL B 109 31.89 -14.84 20.42
N SER B 110 32.28 -15.61 21.41
CA SER B 110 32.74 -16.96 21.13
C SER B 110 32.09 -17.93 22.09
N LEU B 111 31.94 -19.16 21.62
CA LEU B 111 31.65 -20.29 22.48
C LEU B 111 32.82 -21.27 22.38
N GLY B 112 33.79 -21.09 23.26
CA GLY B 112 35.01 -21.86 23.20
C GLY B 112 35.81 -21.49 21.97
N GLY B 113 35.98 -22.45 21.06
CA GLY B 113 36.75 -22.24 19.86
C GLY B 113 36.03 -21.52 18.73
N ASN B 114 34.69 -21.50 18.76
CA ASN B 114 33.96 -20.94 17.63
C ASN B 114 33.56 -19.46 17.80
N GLU B 115 33.97 -18.63 16.83
CA GLU B 115 33.58 -17.22 16.81
C GLU B 115 32.21 -17.05 16.17
N PHE B 116 31.35 -16.28 16.82
CA PHE B 116 30.01 -15.98 16.32
C PHE B 116 29.79 -14.47 16.19
N CYS B 117 29.14 -14.06 15.12
CA CYS B 117 28.53 -12.73 15.12
C CYS B 117 27.03 -12.91 15.24
N LEU B 118 26.50 -12.61 16.43
CA LEU B 118 25.08 -12.77 16.71
C LEU B 118 24.38 -11.44 16.50
N MET B 119 23.31 -11.49 15.72
CA MET B 119 22.60 -10.29 15.31
C MET B 119 21.13 -10.35 15.63
N THR B 120 20.55 -9.23 16.03
CA THR B 120 19.11 -9.15 16.10
C THR B 120 18.58 -7.79 15.71
N SER B 121 17.31 -7.80 15.34
CA SER B 121 16.65 -6.57 14.96
C SER B 121 15.17 -6.76 15.13
N HIS B 122 14.48 -5.64 15.16
CA HIS B 122 13.03 -5.60 15.13
C HIS B 122 12.64 -4.79 13.92
N LEU B 123 12.56 -5.42 12.74
CA LEU B 123 12.38 -4.66 11.52
C LEU B 123 11.05 -3.90 11.52
N GLU B 124 11.06 -2.74 10.85
CA GLU B 124 9.91 -1.88 10.67
C GLU B 124 8.61 -2.68 10.57
N SER B 125 7.65 -2.31 11.40
CA SER B 125 6.39 -3.04 11.54
C SER B 125 5.31 -2.56 10.56
N THR B 126 4.29 -3.40 10.38
CA THR B 126 3.05 -3.11 9.63
C THR B 126 3.23 -3.13 8.12
N ARG B 127 2.14 -3.46 7.43
CA ARG B 127 2.14 -3.66 5.99
C ARG B 127 2.60 -2.42 5.23
N GLU B 128 2.19 -1.25 5.70
CA GLU B 128 2.46 -0.02 4.97
C GLU B 128 3.94 0.39 4.97
N HIS B 129 4.74 -0.21 5.85
CA HIS B 129 6.15 0.15 5.89
C HIS B 129 7.03 -0.93 5.27
N SER B 130 6.45 -1.61 4.28
CA SER B 130 7.11 -2.69 3.58
C SER B 130 8.45 -2.26 2.95
N ALA B 131 8.44 -1.16 2.21
CA ALA B 131 9.64 -0.73 1.49
C ALA B 131 10.81 -0.44 2.43
N GLU B 132 10.53 0.16 3.59
CA GLU B 132 11.58 0.42 4.58
C GLU B 132 11.99 -0.87 5.27
N ARG B 133 11.02 -1.75 5.52
CA ARG B 133 11.32 -3.07 6.07
C ARG B 133 12.26 -3.85 5.14
N ILE B 134 12.01 -3.76 3.85
CA ILE B 134 12.87 -4.43 2.88
C ILE B 134 14.27 -3.81 2.83
N ARG B 135 14.35 -2.48 2.91
CA ARG B 135 15.65 -1.83 2.95
C ARG B 135 16.42 -2.26 4.20
N GLN B 136 15.70 -2.41 5.30
CA GLN B 136 16.30 -2.85 6.54
C GLN B 136 16.76 -4.29 6.38
N LEU B 137 15.96 -5.13 5.73
CA LEU B 137 16.40 -6.50 5.49
C LEU B 137 17.71 -6.52 4.68
N LYS B 138 17.80 -5.67 3.67
CA LYS B 138 19.02 -5.55 2.87
C LYS B 138 20.23 -5.15 3.71
N THR B 139 20.04 -4.17 4.60
CA THR B 139 21.09 -3.79 5.53
C THR B 139 21.53 -5.00 6.35
N VAL B 140 20.57 -5.76 6.85
CA VAL B 140 20.86 -6.94 7.65
C VAL B 140 21.64 -8.00 6.85
N LEU B 141 21.21 -8.27 5.64
CA LEU B 141 21.87 -9.27 4.82
C LEU B 141 23.25 -8.80 4.41
N GLY B 142 23.39 -7.49 4.22
CA GLY B 142 24.69 -6.93 3.86
C GLY B 142 25.66 -7.16 5.00
N LYS B 143 25.19 -6.89 6.22
CA LYS B 143 26.02 -7.00 7.40
C LYS B 143 26.43 -8.46 7.65
N MET B 144 25.51 -9.39 7.41
CA MET B 144 25.82 -10.82 7.58
C MET B 144 26.99 -11.26 6.70
N GLN B 145 27.19 -10.56 5.59
CA GLN B 145 28.25 -10.92 4.65
C GLN B 145 29.62 -10.39 5.05
N GLU B 146 29.64 -9.42 5.96
CA GLU B 146 30.88 -8.72 6.28
C GLU B 146 31.81 -9.50 7.18
N ALA B 147 31.25 -10.39 7.99
CA ALA B 147 32.07 -11.13 8.95
C ALA B 147 33.06 -12.03 8.23
N PRO B 148 34.24 -12.24 8.83
CA PRO B 148 35.20 -13.20 8.31
C PRO B 148 34.56 -14.57 8.08
N ASP B 149 35.00 -15.28 7.05
CA ASP B 149 34.38 -16.56 6.68
C ASP B 149 34.33 -17.55 7.84
N SER B 150 35.40 -17.60 8.63
CA SER B 150 35.45 -18.51 9.76
C SER B 150 34.47 -18.14 10.88
N THR B 151 33.94 -16.93 10.82
CA THR B 151 32.97 -16.47 11.83
C THR B 151 31.56 -16.94 11.47
N THR B 152 30.91 -17.59 12.43
CA THR B 152 29.55 -18.04 12.24
C THR B 152 28.56 -16.91 12.53
N VAL B 153 27.78 -16.55 11.52
CA VAL B 153 26.86 -15.43 11.62
C VAL B 153 25.44 -15.91 11.83
N ILE B 154 24.81 -15.50 12.92
CA ILE B 154 23.41 -15.84 13.15
C ILE B 154 22.56 -14.59 13.38
N PHE B 155 21.56 -14.38 12.53
CA PHE B 155 20.56 -13.37 12.82
C PHE B 155 19.33 -14.08 13.37
N ALA B 156 18.80 -13.54 14.47
CA ALA B 156 17.53 -14.02 14.97
C ALA B 156 16.76 -12.82 15.47
N GLY B 157 15.55 -12.61 14.96
CA GLY B 157 14.81 -11.45 15.39
C GLY B 157 13.41 -11.40 14.86
N ASP B 158 12.74 -10.29 15.15
CA ASP B 158 11.40 -10.06 14.62
C ASP B 158 11.52 -9.29 13.33
N THR B 159 11.28 -9.97 12.21
CA THR B 159 11.54 -9.38 10.91
C THR B 159 10.32 -8.68 10.35
N ASN B 160 9.14 -8.99 10.90
CA ASN B 160 7.88 -8.54 10.35
C ASN B 160 7.71 -8.88 8.88
N LEU B 161 8.53 -9.81 8.40
CA LEU B 161 8.55 -10.11 6.98
C LEU B 161 7.33 -10.87 6.49
N ARG B 162 6.90 -10.52 5.29
CA ARG B 162 6.02 -11.35 4.50
C ARG B 162 6.93 -12.06 3.51
N ASP B 163 6.56 -13.27 3.09
CA ASP B 163 7.38 -14.04 2.15
C ASP B 163 7.69 -13.26 0.88
N GLN B 164 6.65 -12.63 0.34
CA GLN B 164 6.78 -11.84 -0.89
C GLN B 164 7.86 -10.77 -0.78
N GLU B 165 8.05 -10.24 0.42
CA GLU B 165 9.02 -9.17 0.64
C GLU B 165 10.45 -9.68 0.54
N VAL B 166 10.68 -10.90 1.03
CA VAL B 166 11.99 -11.54 0.88
C VAL B 166 12.32 -11.74 -0.59
N ILE B 167 11.29 -12.13 -1.36
CA ILE B 167 11.44 -12.29 -2.80
C ILE B 167 11.81 -10.96 -3.45
N LYS B 168 11.07 -9.90 -3.10
CA LYS B 168 11.35 -8.56 -3.61
C LYS B 168 12.77 -8.15 -3.28
N CYS B 169 13.26 -8.65 -2.15
CA CYS B 169 14.57 -8.29 -1.69
C CYS B 169 15.63 -9.01 -2.50
N GLY B 170 15.19 -9.95 -3.34
CA GLY B 170 16.08 -10.72 -4.18
C GLY B 170 16.26 -12.14 -3.67
N GLY B 171 15.58 -12.46 -2.57
CA GLY B 171 15.71 -13.75 -1.94
C GLY B 171 16.95 -13.75 -1.06
N LEU B 172 17.03 -14.70 -0.14
CA LEU B 172 18.23 -14.84 0.66
C LEU B 172 19.36 -15.21 -0.29
N PRO B 173 20.56 -14.64 -0.08
CA PRO B 173 21.74 -15.01 -0.88
C PRO B 173 22.07 -16.49 -0.70
N ASP B 174 22.86 -17.05 -1.61
CA ASP B 174 23.16 -18.48 -1.60
C ASP B 174 23.81 -18.97 -0.31
N ASN B 175 24.53 -18.09 0.38
CA ASN B 175 25.26 -18.51 1.57
C ASN B 175 24.52 -18.16 2.88
N VAL B 176 23.26 -17.77 2.75
CA VAL B 176 22.46 -17.41 3.92
C VAL B 176 21.20 -18.26 3.97
N PHE B 177 20.97 -18.91 5.10
CA PHE B 177 19.87 -19.85 5.23
C PHE B 177 18.89 -19.45 6.33
N ASP B 178 17.63 -19.79 6.12
CA ASP B 178 16.58 -19.62 7.11
C ASP B 178 16.54 -20.94 7.90
N ALA B 179 16.70 -20.87 9.21
CA ALA B 179 16.77 -22.09 10.02
C ALA B 179 15.49 -22.90 9.91
N TRP B 180 14.35 -22.21 9.85
CA TRP B 180 13.07 -22.89 9.69
C TRP B 180 12.98 -23.62 8.34
N GLU B 181 13.48 -22.99 7.28
CA GLU B 181 13.51 -23.66 5.99
C GLU B 181 14.51 -24.80 6.01
N PHE B 182 15.63 -24.58 6.68
CA PHE B 182 16.66 -25.62 6.75
C PHE B 182 16.11 -26.89 7.39
N LEU B 183 15.25 -26.73 8.38
CA LEU B 183 14.74 -27.88 9.12
C LEU B 183 13.57 -28.55 8.41
N GLY B 184 13.27 -28.08 7.21
CA GLY B 184 12.24 -28.70 6.38
C GLY B 184 10.88 -28.03 6.53
N LYS B 185 10.89 -26.76 6.91
CA LYS B 185 9.68 -26.00 7.13
C LYS B 185 8.67 -26.72 8.02
N PRO B 186 9.06 -27.11 9.25
CA PRO B 186 8.12 -27.83 10.11
C PRO B 186 6.88 -26.99 10.43
N LYS B 187 5.74 -27.65 10.50
CA LYS B 187 4.47 -26.96 10.65
C LYS B 187 4.25 -26.51 12.09
N HIS B 188 4.75 -27.28 13.04
CA HIS B 188 4.43 -27.05 14.45
C HIS B 188 5.00 -25.72 14.95
N CYS B 189 6.01 -25.18 14.29
CA CYS B 189 6.59 -23.91 14.72
C CYS B 189 6.64 -22.88 13.59
N GLN B 190 5.78 -23.03 12.60
CA GLN B 190 5.77 -22.14 11.44
C GLN B 190 5.41 -20.71 11.83
N TYR B 191 4.20 -20.51 12.37
CA TYR B 191 3.75 -19.16 12.66
C TYR B 191 4.18 -18.70 14.06
N THR B 192 4.78 -17.52 14.13
CA THR B 192 5.26 -16.99 15.40
C THR B 192 4.36 -15.86 15.91
N TRP B 193 3.42 -15.46 15.05
CA TRP B 193 2.42 -14.46 15.40
C TRP B 193 1.08 -14.97 14.90
N ASP B 194 0.22 -15.37 15.83
CA ASP B 194 -0.98 -16.14 15.48
C ASP B 194 -2.18 -15.68 16.30
N THR B 195 -3.04 -14.84 15.72
CA THR B 195 -4.17 -14.28 16.47
C THR B 195 -5.29 -15.29 16.71
N LYS B 196 -5.24 -16.44 16.05
CA LYS B 196 -6.21 -17.48 16.36
C LYS B 196 -5.82 -18.15 17.67
N ALA B 197 -4.53 -18.45 17.81
CA ALA B 197 -4.00 -19.12 18.99
C ALA B 197 -3.63 -18.14 20.11
N ASN B 198 -3.42 -16.88 19.76
CA ASN B 198 -2.95 -15.89 20.73
C ASN B 198 -3.94 -14.73 20.84
N ASN B 199 -4.37 -14.47 22.07
CA ASN B 199 -5.46 -13.51 22.32
C ASN B 199 -5.01 -12.20 22.97
N ASN B 200 -3.72 -11.97 23.06
CA ASN B 200 -3.21 -10.80 23.78
C ASN B 200 -3.67 -9.47 23.17
N LEU B 201 -3.78 -9.43 21.84
CA LEU B 201 -4.14 -8.18 21.17
C LEU B 201 -5.65 -8.05 21.01
N ARG B 202 -6.36 -9.11 21.36
CA ARG B 202 -7.83 -9.15 21.24
C ARG B 202 -8.25 -8.88 19.81
N ILE B 203 -7.54 -9.47 18.86
CA ILE B 203 -7.88 -9.32 17.45
C ILE B 203 -8.84 -10.42 17.01
N PRO B 204 -10.08 -10.06 16.63
CA PRO B 204 -11.11 -11.03 16.29
C PRO B 204 -10.73 -11.92 15.11
N ALA B 205 -10.15 -11.36 14.06
CA ALA B 205 -9.83 -12.14 12.87
C ALA B 205 -8.61 -13.03 13.11
N ALA B 206 -8.50 -14.09 12.34
CA ALA B 206 -7.37 -15.01 12.44
C ALA B 206 -6.29 -14.67 11.44
N TYR B 207 -5.16 -14.17 11.94
CA TYR B 207 -4.00 -13.94 11.10
C TYR B 207 -2.79 -14.68 11.65
N LYS B 208 -2.07 -15.36 10.77
CA LYS B 208 -0.90 -16.14 11.15
C LYS B 208 0.31 -15.73 10.33
N HIS B 209 1.38 -15.33 11.00
CA HIS B 209 2.58 -14.89 10.30
C HIS B 209 3.86 -15.48 10.89
N ARG B 210 4.82 -15.75 10.02
CA ARG B 210 6.14 -16.14 10.45
C ARG B 210 7.00 -14.88 10.48
N PHE B 211 6.76 -14.02 11.46
CA PHE B 211 7.46 -12.75 11.58
C PHE B 211 8.85 -12.93 12.16
N ASP B 212 8.94 -13.88 13.08
CA ASP B 212 10.20 -14.10 13.77
C ASP B 212 10.98 -15.15 12.99
N ARG B 213 12.17 -14.78 12.55
CA ARG B 213 12.96 -15.64 11.68
C ARG B 213 14.39 -15.70 12.10
N ILE B 214 15.03 -16.79 11.72
CA ILE B 214 16.43 -17.03 12.00
C ILE B 214 17.19 -17.23 10.69
N PHE B 215 18.15 -16.35 10.43
CA PHE B 215 19.04 -16.49 9.28
C PHE B 215 20.44 -16.85 9.78
N PHE B 216 21.15 -17.69 9.05
CA PHE B 216 22.53 -17.96 9.42
C PHE B 216 23.44 -18.07 8.20
N ARG B 217 24.69 -17.68 8.40
CA ARG B 217 25.75 -17.84 7.43
C ARG B 217 26.90 -18.61 8.09
N ALA B 218 27.27 -19.75 7.52
CA ALA B 218 28.38 -20.53 8.05
C ALA B 218 29.14 -21.25 6.94
N GLU B 219 30.42 -21.53 7.19
CA GLU B 219 31.21 -22.34 6.29
C GLU B 219 30.53 -23.70 6.11
N GLU B 220 30.68 -24.30 4.93
CA GLU B 220 29.96 -25.51 4.58
C GLU B 220 29.77 -26.47 5.73
N GLY B 221 28.50 -26.62 6.06
CA GLY B 221 28.06 -27.52 7.11
C GLY B 221 28.75 -27.27 8.43
N HIS B 222 29.06 -26.02 8.76
CA HIS B 222 29.71 -25.86 10.05
C HIS B 222 28.67 -25.54 11.10
N LEU B 223 27.51 -25.07 10.65
CA LEU B 223 26.41 -24.78 11.54
C LEU B 223 25.17 -25.55 11.10
N ILE B 224 24.67 -26.40 11.98
CA ILE B 224 23.57 -27.29 11.62
C ILE B 224 22.44 -27.17 12.63
N PRO B 225 21.34 -26.52 12.23
CA PRO B 225 20.14 -26.49 13.07
C PRO B 225 19.72 -27.92 13.43
N GLN B 226 19.37 -28.12 14.69
CA GLN B 226 19.00 -29.45 15.18
C GLN B 226 17.54 -29.46 15.55
N SER B 227 17.07 -28.34 16.10
CA SER B 227 15.68 -28.22 16.53
C SER B 227 15.19 -26.78 16.52
N LEU B 228 13.88 -26.64 16.35
CA LEU B 228 13.21 -25.36 16.38
C LEU B 228 11.83 -25.59 16.98
N ASP B 229 11.52 -24.84 18.03
CA ASP B 229 10.24 -24.99 18.72
C ASP B 229 9.67 -23.65 19.16
N LEU B 230 8.35 -23.56 19.22
CA LEU B 230 7.70 -22.38 19.77
C LEU B 230 7.79 -22.40 21.28
N VAL B 231 8.00 -21.22 21.88
CA VAL B 231 7.90 -21.12 23.33
C VAL B 231 6.94 -20.00 23.73
N GLY B 232 6.54 -20.00 24.99
CA GLY B 232 5.62 -18.99 25.48
C GLY B 232 4.18 -19.26 25.09
N LEU B 233 3.82 -20.54 25.04
CA LEU B 233 2.49 -20.95 24.57
C LEU B 233 1.48 -21.18 25.69
N GLU B 234 1.90 -20.98 26.94
CA GLU B 234 0.99 -21.21 28.05
C GLU B 234 0.49 -19.91 28.65
N LYS B 235 -0.83 -19.83 28.85
CA LYS B 235 -1.44 -18.67 29.47
C LYS B 235 -0.94 -18.50 30.89
N LEU B 236 -0.79 -17.27 31.31
CA LEU B 236 -0.39 -16.97 32.68
C LEU B 236 -1.63 -16.88 33.56
N ASP B 237 -1.44 -16.56 34.84
CA ASP B 237 -2.54 -16.50 35.78
C ASP B 237 -3.56 -15.42 35.41
N CYS B 238 -3.13 -14.46 34.61
CA CYS B 238 -4.02 -13.40 34.17
C CYS B 238 -4.83 -13.79 32.93
N GLY B 239 -4.60 -14.99 32.41
CA GLY B 239 -5.36 -15.49 31.29
C GLY B 239 -4.84 -15.04 29.94
N ARG B 240 -3.70 -14.35 29.95
CA ARG B 240 -3.07 -13.91 28.72
C ARG B 240 -1.68 -14.55 28.59
N PHE B 241 -1.09 -14.45 27.41
CA PHE B 241 0.24 -15.03 27.17
C PHE B 241 1.34 -14.04 27.52
N PRO B 242 2.59 -14.51 27.68
CA PRO B 242 3.69 -13.58 27.93
C PRO B 242 3.79 -12.50 26.86
N SER B 243 3.51 -12.88 25.61
CA SER B 243 3.61 -11.94 24.52
C SER B 243 2.55 -12.21 23.46
N ASP B 244 2.37 -11.27 22.55
CA ASP B 244 1.51 -11.51 21.40
C ASP B 244 2.26 -12.38 20.39
N HIS B 245 3.59 -12.37 20.46
CA HIS B 245 4.40 -13.30 19.67
C HIS B 245 4.69 -14.58 20.44
N TRP B 246 4.85 -15.69 19.71
CA TRP B 246 5.52 -16.85 20.25
C TRP B 246 7.01 -16.61 20.13
N GLY B 247 7.79 -17.18 21.04
CA GLY B 247 9.23 -17.17 20.89
C GLY B 247 9.66 -18.39 20.10
N LEU B 248 10.87 -18.34 19.58
CA LEU B 248 11.48 -19.46 18.89
C LEU B 248 12.66 -19.97 19.70
N LEU B 249 12.58 -21.23 20.12
CA LEU B 249 13.71 -21.89 20.76
C LEU B 249 14.45 -22.72 19.72
N CYS B 250 15.72 -22.40 19.49
CA CYS B 250 16.50 -23.10 18.47
C CYS B 250 17.80 -23.68 19.04
N THR B 251 18.07 -24.94 18.71
CA THR B 251 19.35 -25.54 19.04
C THR B 251 20.07 -25.91 17.75
N LEU B 252 21.38 -25.71 17.74
CA LEU B 252 22.20 -25.91 16.57
C LEU B 252 23.50 -26.55 17.02
N ASN B 253 24.07 -27.41 16.19
CA ASN B 253 25.38 -27.95 16.45
C ASN B 253 26.42 -27.24 15.61
N VAL B 254 27.59 -27.01 16.19
CA VAL B 254 28.74 -26.52 15.44
C VAL B 254 29.63 -27.70 15.07
N VAL B 255 29.80 -27.93 13.76
CA VAL B 255 30.44 -29.14 13.30
C VAL B 255 31.62 -28.87 12.38
N LEU B 256 32.80 -29.22 12.87
CA LEU B 256 34.05 -28.80 12.23
C LEU B 256 34.65 -29.92 11.39
#